data_5SZM
#
_entry.id   5SZM
#
_cell.length_a   257.560
_cell.length_b   257.560
_cell.length_c   105.190
_cell.angle_alpha   90.00
_cell.angle_beta   90.00
_cell.angle_gamma   90.00
#
_symmetry.space_group_name_H-M   'I 41 2 2'
#
loop_
_entity.id
_entity.type
_entity.pdbx_description
1 polymer 'PcdhgA8 or protocadherin gamma A8'
2 branched beta-D-mannopyranose-(1-4)-2-acetamido-2-deoxy-beta-D-glucopyranose-(1-4)-[alpha-L-fucopyranose-(1-6)]2-acetamido-2-deoxy-beta-D-glucopyranose
3 branched 2-acetamido-2-deoxy-beta-D-glucopyranose-(1-4)-2-acetamido-2-deoxy-beta-D-glucopyranose
4 non-polymer 'CALCIUM ION'
5 non-polymer alpha-D-mannopyranose
#
_entity_poly.entity_id   1
_entity_poly.type   'polypeptide(L)'
_entity_poly.pdbx_seq_one_letter_code
;QIRYSVPEETDKGTVVGNISKDLGLEPRELAERGVRIVSRGRSQLFSLNPRGGSLVTAGRIDREELCAQSTPCLVNINIL
VEEKGKLFGVEIEITDINDNNPKFHVGDLEVKINEIAAPGARYPLPEAVDPDVGINSLQSYQLSPNRHFSLHLQTGDDGT
INPELVLERTLDREEEPTHHLVLTASDGGEPRRSSTALIQITVLDTNDNAPVFDQPVYRVKVLENVAPGTLLLTVRASDP
DEGVNGKVTYKFRKINEKQSLLFHLHENTGEMTVAKNLDYEECSLYEMEIQAEDVGALLGRSKVIIMVEDVNDNRPEVTI
TSLFNPVLENSLPGTVIAFLNVHDQDSGKNGQVVCYTHDNLPFKLEKSIDNYYRLVTWKYLDREKVSTYNITVIASDLGA
PPLSTETYIALTVADTNDHHHHHHHH
;
_entity_poly.pdbx_strand_id   A
#
loop_
_chem_comp.id
_chem_comp.type
_chem_comp.name
_chem_comp.formula
BMA D-saccharide, beta linking beta-D-mannopyranose 'C6 H12 O6'
CA non-polymer 'CALCIUM ION' 'Ca 2'
FUC L-saccharide, alpha linking alpha-L-fucopyranose 'C6 H12 O5'
MAN D-saccharide, alpha linking alpha-D-mannopyranose 'C6 H12 O6'
NAG D-saccharide, beta linking 2-acetamido-2-deoxy-beta-D-glucopyranose 'C8 H15 N O6'
#
# COMPACT_ATOMS: atom_id res chain seq x y z
N GLN A 1 18.78 -37.96 -61.47
CA GLN A 1 19.51 -36.99 -62.25
C GLN A 1 18.58 -35.96 -62.89
N ILE A 2 17.29 -36.08 -62.58
CA ILE A 2 16.27 -35.17 -63.09
C ILE A 2 15.79 -34.33 -61.90
N ARG A 3 16.34 -33.12 -61.78
CA ARG A 3 16.02 -32.25 -60.65
C ARG A 3 14.81 -31.38 -60.95
N TYR A 4 13.98 -31.19 -59.94
CA TYR A 4 12.82 -30.31 -60.01
C TYR A 4 12.66 -29.59 -58.68
N SER A 5 11.79 -28.57 -58.67
CA SER A 5 11.50 -27.82 -57.47
C SER A 5 10.01 -27.57 -57.37
N VAL A 6 9.51 -27.50 -56.13
CA VAL A 6 8.08 -27.33 -55.90
C VAL A 6 7.84 -26.64 -54.56
N PRO A 7 6.90 -25.70 -54.49
CA PRO A 7 6.53 -25.14 -53.18
C PRO A 7 5.62 -26.10 -52.42
N GLU A 8 5.82 -26.14 -51.10
CA GLU A 8 5.00 -26.99 -50.25
C GLU A 8 3.62 -26.36 -50.04
N GLU A 9 2.74 -27.13 -49.39
CA GLU A 9 1.40 -26.68 -49.03
C GLU A 9 0.62 -26.21 -50.24
N THR A 10 0.89 -26.79 -51.41
CA THR A 10 0.25 -26.40 -52.65
C THR A 10 -0.90 -27.34 -52.96
N ASP A 11 -1.83 -26.86 -53.79
CA ASP A 11 -3.02 -27.61 -54.13
C ASP A 11 -2.66 -28.94 -54.80
N LYS A 12 -3.62 -29.87 -54.79
CA LYS A 12 -3.41 -31.16 -55.41
C LYS A 12 -3.46 -31.05 -56.92
N GLY A 13 -2.53 -31.72 -57.60
CA GLY A 13 -2.45 -31.66 -59.04
C GLY A 13 -1.61 -30.52 -59.58
N THR A 14 -0.73 -29.95 -58.78
CA THR A 14 0.11 -28.85 -59.24
C THR A 14 1.28 -29.37 -60.07
N VAL A 15 1.68 -28.57 -61.05
CA VAL A 15 2.79 -28.95 -61.93
C VAL A 15 4.08 -29.00 -61.13
N VAL A 16 4.79 -30.13 -61.23
CA VAL A 16 6.08 -30.29 -60.59
C VAL A 16 7.22 -30.16 -61.59
N GLY A 17 7.03 -30.66 -62.80
CA GLY A 17 8.05 -30.58 -63.83
C GLY A 17 7.64 -31.25 -65.12
N ASN A 18 8.03 -30.67 -66.25
CA ASN A 18 7.77 -31.25 -67.56
C ASN A 18 8.56 -32.53 -67.73
N ILE A 19 7.98 -33.66 -67.30
CA ILE A 19 8.71 -34.92 -67.33
C ILE A 19 8.82 -35.46 -68.75
N SER A 20 7.79 -35.25 -69.58
CA SER A 20 7.81 -35.81 -70.92
C SER A 20 8.87 -35.18 -71.80
N LYS A 21 9.19 -33.90 -71.58
CA LYS A 21 10.23 -33.26 -72.38
C LYS A 21 11.61 -33.76 -71.98
N ASP A 22 11.88 -33.87 -70.68
CA ASP A 22 13.14 -34.42 -70.19
C ASP A 22 13.20 -35.93 -70.32
N LEU A 23 12.20 -36.54 -70.95
CA LEU A 23 12.21 -37.95 -71.27
C LEU A 23 12.24 -38.25 -72.75
N GLY A 24 12.08 -37.24 -73.61
CA GLY A 24 12.10 -37.45 -75.05
C GLY A 24 10.92 -38.22 -75.58
N LEU A 25 9.71 -37.92 -75.10
CA LEU A 25 8.52 -38.64 -75.54
C LEU A 25 7.30 -37.76 -75.30
N GLU A 26 6.17 -38.19 -75.88
CA GLU A 26 4.91 -37.49 -75.80
C GLU A 26 4.10 -37.96 -74.60
N PRO A 27 3.10 -37.17 -74.17
CA PRO A 27 2.25 -37.64 -73.06
C PRO A 27 1.48 -38.91 -73.38
N ARG A 28 0.91 -39.01 -74.59
CA ARG A 28 0.22 -40.24 -74.98
C ARG A 28 1.18 -41.41 -74.99
N GLU A 29 2.45 -41.18 -75.29
CA GLU A 29 3.45 -42.24 -75.19
C GLU A 29 3.70 -42.62 -73.73
N LEU A 30 3.65 -41.63 -72.83
CA LEU A 30 3.78 -41.93 -71.40
C LEU A 30 2.62 -42.79 -70.93
N ALA A 31 1.41 -42.51 -71.41
CA ALA A 31 0.25 -43.32 -71.06
C ALA A 31 0.19 -44.64 -71.83
N GLU A 32 0.98 -44.79 -72.89
CA GLU A 32 0.95 -45.99 -73.71
C GLU A 32 2.01 -47.02 -73.30
N ARG A 33 3.23 -46.58 -73.02
CA ARG A 33 4.31 -47.50 -72.68
C ARG A 33 4.11 -48.16 -71.32
N GLY A 34 3.19 -47.68 -70.51
CA GLY A 34 2.99 -48.24 -69.18
C GLY A 34 4.08 -47.87 -68.21
N VAL A 35 4.75 -46.73 -68.41
CA VAL A 35 5.80 -46.28 -67.50
C VAL A 35 5.17 -45.91 -66.16
N ARG A 36 5.65 -46.52 -65.09
CA ARG A 36 5.10 -46.34 -63.75
C ARG A 36 6.19 -45.81 -62.82
N ILE A 37 5.87 -45.77 -61.53
CA ILE A 37 6.78 -45.30 -60.50
C ILE A 37 7.09 -46.47 -59.57
N VAL A 38 8.36 -46.60 -59.19
CA VAL A 38 8.77 -47.67 -58.29
C VAL A 38 8.14 -47.46 -56.92
N SER A 39 7.70 -48.55 -56.30
CA SER A 39 6.95 -48.50 -55.04
C SER A 39 7.91 -48.22 -53.89
N ARG A 40 8.04 -46.95 -53.54
CA ARG A 40 8.72 -46.53 -52.33
C ARG A 40 7.83 -45.57 -51.55
N GLY A 41 8.15 -45.41 -50.27
CA GLY A 41 7.31 -44.68 -49.33
C GLY A 41 6.91 -43.28 -49.74
N ARG A 42 7.90 -42.42 -49.99
CA ARG A 42 7.60 -41.03 -50.34
C ARG A 42 6.91 -40.93 -51.69
N SER A 43 7.35 -41.72 -52.67
CA SER A 43 6.75 -41.70 -54.00
C SER A 43 5.23 -41.89 -53.99
N GLN A 44 4.64 -42.22 -52.84
CA GLN A 44 3.19 -42.35 -52.76
C GLN A 44 2.47 -41.02 -53.01
N LEU A 45 3.12 -39.89 -52.71
CA LEU A 45 2.42 -38.62 -52.83
C LEU A 45 2.48 -38.01 -54.23
N PHE A 46 3.24 -38.58 -55.14
CA PHE A 46 3.30 -38.10 -56.51
C PHE A 46 2.49 -38.99 -57.44
N SER A 47 2.05 -38.43 -58.56
CA SER A 47 1.28 -39.16 -59.55
C SER A 47 1.58 -38.60 -60.93
N LEU A 48 1.38 -39.46 -61.94
CA LEU A 48 1.64 -39.10 -63.33
C LEU A 48 0.34 -38.69 -64.02
N ASN A 49 0.33 -37.50 -64.61
CA ASN A 49 -0.83 -37.01 -65.34
C ASN A 49 -0.64 -37.28 -66.82
N PRO A 50 -1.41 -38.19 -67.42
CA PRO A 50 -1.24 -38.48 -68.84
C PRO A 50 -1.73 -37.37 -69.75
N ARG A 51 -2.96 -36.88 -69.50
CA ARG A 51 -3.50 -35.79 -70.29
C ARG A 51 -2.60 -34.55 -70.19
N GLY A 52 -2.20 -34.20 -68.98
CA GLY A 52 -1.18 -33.18 -68.80
C GLY A 52 0.23 -33.65 -69.07
N GLY A 53 0.43 -34.96 -69.18
CA GLY A 53 1.73 -35.54 -69.47
C GLY A 53 2.83 -35.05 -68.56
N SER A 54 2.50 -34.77 -67.30
CA SER A 54 3.43 -34.14 -66.39
C SER A 54 3.37 -34.86 -65.04
N LEU A 55 4.05 -34.30 -64.06
CA LEU A 55 4.09 -34.84 -62.71
C LEU A 55 3.25 -33.96 -61.81
N VAL A 56 2.26 -34.56 -61.14
CA VAL A 56 1.33 -33.83 -60.31
C VAL A 56 1.40 -34.35 -58.87
N THR A 57 1.15 -33.46 -57.92
CA THR A 57 1.10 -33.83 -56.52
C THR A 57 -0.27 -34.41 -56.19
N ALA A 58 -0.27 -35.58 -55.54
CA ALA A 58 -1.51 -36.29 -55.21
C ALA A 58 -1.78 -36.31 -53.71
N GLY A 59 -1.09 -35.45 -52.94
CA GLY A 59 -1.30 -35.41 -51.52
C GLY A 59 -0.73 -34.14 -50.92
N ARG A 60 -1.06 -33.92 -49.65
CA ARG A 60 -0.56 -32.74 -48.95
C ARG A 60 0.95 -32.85 -48.74
N ILE A 61 1.66 -31.76 -49.02
CA ILE A 61 3.12 -31.71 -48.93
C ILE A 61 3.48 -30.65 -47.91
N ASP A 62 3.80 -31.07 -46.70
CA ASP A 62 4.25 -30.17 -45.64
C ASP A 62 5.73 -30.42 -45.39
N ARG A 63 6.56 -29.47 -45.79
CA ARG A 63 7.99 -29.57 -45.53
C ARG A 63 8.25 -29.73 -44.04
N GLU A 64 7.55 -28.94 -43.22
CA GLU A 64 7.76 -28.97 -41.77
C GLU A 64 7.59 -30.36 -41.20
N GLU A 65 6.70 -31.17 -41.78
CA GLU A 65 6.54 -32.55 -41.37
C GLU A 65 7.46 -33.50 -42.12
N LEU A 66 7.78 -33.18 -43.37
CA LEU A 66 8.52 -34.12 -44.21
C LEU A 66 10.00 -34.17 -43.84
N CYS A 67 10.70 -33.04 -43.92
CA CYS A 67 12.14 -32.99 -43.68
C CYS A 67 12.50 -32.36 -42.35
N ALA A 68 11.54 -31.82 -41.61
CA ALA A 68 11.76 -31.22 -40.29
C ALA A 68 12.72 -30.06 -40.44
N GLN A 69 13.91 -30.10 -39.84
CA GLN A 69 14.84 -28.98 -39.86
C GLN A 69 16.06 -29.22 -40.74
N SER A 70 16.03 -30.24 -41.59
CA SER A 70 17.13 -30.46 -42.52
C SER A 70 17.21 -29.32 -43.53
N THR A 71 18.42 -29.04 -44.00
CA THR A 71 18.64 -27.84 -44.79
C THR A 71 18.04 -27.95 -46.20
N PRO A 72 18.11 -29.12 -46.89
CA PRO A 72 17.33 -29.26 -48.12
C PRO A 72 16.29 -30.38 -48.05
N CYS A 73 15.05 -30.08 -48.44
CA CYS A 73 14.01 -31.09 -48.47
C CYS A 73 14.00 -31.74 -49.85
N LEU A 74 14.51 -32.97 -49.94
CA LEU A 74 14.67 -33.68 -51.20
C LEU A 74 13.91 -35.01 -51.14
N VAL A 75 13.15 -35.29 -52.20
CA VAL A 75 12.45 -36.55 -52.36
C VAL A 75 12.87 -37.14 -53.70
N ASN A 76 13.40 -38.36 -53.66
CA ASN A 76 13.90 -39.04 -54.84
C ASN A 76 12.96 -40.17 -55.23
N ILE A 77 12.51 -40.17 -56.48
CA ILE A 77 11.64 -41.20 -57.00
C ILE A 77 12.30 -41.83 -58.22
N ASN A 78 12.05 -43.12 -58.42
CA ASN A 78 12.58 -43.87 -59.54
C ASN A 78 11.45 -44.15 -60.53
N ILE A 79 11.66 -43.78 -61.79
CA ILE A 79 10.67 -43.93 -62.84
C ILE A 79 11.16 -45.00 -63.81
N LEU A 80 10.30 -45.97 -64.11
CA LEU A 80 10.68 -47.17 -64.85
C LEU A 80 9.94 -47.20 -66.18
N VAL A 81 10.66 -47.00 -67.27
CA VAL A 81 10.12 -47.18 -68.62
C VAL A 81 10.29 -48.63 -69.01
N GLU A 82 9.18 -49.33 -69.24
CA GLU A 82 9.21 -50.78 -69.41
C GLU A 82 9.59 -51.18 -70.83
N GLU A 83 8.92 -50.61 -71.84
CA GLU A 83 9.22 -50.98 -73.21
C GLU A 83 10.66 -50.63 -73.58
N LYS A 84 11.15 -49.48 -73.12
CA LYS A 84 12.55 -49.15 -73.29
C LYS A 84 13.44 -49.89 -72.30
N GLY A 85 12.86 -50.46 -71.24
CA GLY A 85 13.65 -51.17 -70.26
C GLY A 85 14.65 -50.30 -69.53
N LYS A 86 14.34 -49.03 -69.33
CA LYS A 86 15.28 -48.08 -68.74
C LYS A 86 14.71 -47.53 -67.44
N LEU A 87 15.62 -47.04 -66.59
CA LEU A 87 15.26 -46.48 -65.29
C LEU A 87 15.84 -45.07 -65.19
N PHE A 88 15.09 -44.18 -64.54
CA PHE A 88 15.50 -42.79 -64.39
C PHE A 88 15.29 -42.34 -62.95
N GLY A 89 16.23 -41.54 -62.45
CA GLY A 89 16.17 -41.02 -61.10
C GLY A 89 15.78 -39.55 -61.10
N VAL A 90 14.75 -39.24 -60.31
CA VAL A 90 14.21 -37.89 -60.24
C VAL A 90 14.34 -37.38 -58.81
N GLU A 91 15.06 -36.28 -58.66
CA GLU A 91 15.21 -35.60 -57.37
C GLU A 91 14.34 -34.35 -57.37
N ILE A 92 13.51 -34.20 -56.35
CA ILE A 92 12.57 -33.09 -56.26
C ILE A 92 12.78 -32.36 -54.95
N GLU A 93 13.04 -31.06 -55.02
CA GLU A 93 13.22 -30.21 -53.85
C GLU A 93 11.90 -29.54 -53.50
N ILE A 94 11.64 -29.44 -52.20
CA ILE A 94 10.44 -28.78 -51.68
C ILE A 94 10.89 -27.52 -50.94
N THR A 95 10.35 -26.37 -51.35
CA THR A 95 10.78 -25.11 -50.77
C THR A 95 9.98 -24.79 -49.50
N ASP A 96 10.55 -23.91 -48.68
CA ASP A 96 9.98 -23.56 -47.39
C ASP A 96 9.13 -22.30 -47.55
N ILE A 97 7.96 -22.32 -46.92
CA ILE A 97 7.04 -21.19 -46.91
C ILE A 97 6.58 -20.94 -45.48
N ASN A 98 6.41 -19.66 -45.15
CA ASN A 98 6.15 -19.25 -43.77
C ASN A 98 4.66 -19.41 -43.45
N ASP A 99 4.27 -20.65 -43.15
CA ASP A 99 2.92 -20.95 -42.67
C ASP A 99 2.92 -21.45 -41.23
N ASN A 100 3.97 -21.16 -40.47
CA ASN A 100 4.07 -21.58 -39.08
C ASN A 100 4.68 -20.45 -38.27
N ASN A 101 3.93 -19.97 -37.28
CA ASN A 101 4.35 -18.92 -36.37
C ASN A 101 5.24 -19.50 -35.27
N PRO A 102 6.12 -18.68 -34.69
CA PRO A 102 6.91 -19.14 -33.54
C PRO A 102 6.01 -19.46 -32.35
N LYS A 103 5.90 -20.74 -32.02
CA LYS A 103 4.97 -21.20 -30.98
C LYS A 103 5.69 -21.30 -29.65
N PHE A 104 5.26 -20.49 -28.69
CA PHE A 104 5.76 -20.61 -27.33
C PHE A 104 5.19 -21.86 -26.67
N HIS A 105 6.03 -22.57 -25.93
CA HIS A 105 5.58 -23.79 -25.26
C HIS A 105 4.63 -23.46 -24.11
N VAL A 106 4.94 -22.42 -23.35
CA VAL A 106 4.10 -21.96 -22.24
C VAL A 106 3.56 -20.59 -22.61
N GLY A 107 2.25 -20.40 -22.42
CA GLY A 107 1.61 -19.14 -22.77
C GLY A 107 1.89 -18.01 -21.80
N ASP A 108 2.26 -18.33 -20.56
CA ASP A 108 2.52 -17.31 -19.56
C ASP A 108 3.55 -17.84 -18.57
N LEU A 109 4.23 -16.91 -17.90
CA LEU A 109 5.24 -17.26 -16.90
C LEU A 109 5.26 -16.20 -15.82
N GLU A 110 5.31 -16.65 -14.56
CA GLU A 110 5.42 -15.76 -13.41
C GLU A 110 6.86 -15.80 -12.91
N VAL A 111 7.50 -14.64 -12.88
CA VAL A 111 8.87 -14.50 -12.39
C VAL A 111 8.81 -13.75 -11.07
N LYS A 112 9.14 -14.44 -9.98
CA LYS A 112 9.06 -13.85 -8.64
C LYS A 112 10.40 -13.20 -8.31
N ILE A 113 10.44 -11.88 -8.39
CA ILE A 113 11.62 -11.10 -8.05
C ILE A 113 11.37 -10.42 -6.72
N ASN A 114 12.34 -10.50 -5.81
CA ASN A 114 12.19 -9.90 -4.50
C ASN A 114 12.24 -8.38 -4.59
N GLU A 115 11.72 -7.73 -3.55
CA GLU A 115 11.76 -6.27 -3.51
C GLU A 115 13.18 -5.75 -3.40
N ILE A 116 14.04 -6.47 -2.67
CA ILE A 116 15.40 -6.01 -2.40
C ILE A 116 16.38 -6.69 -3.36
N ALA A 117 15.89 -7.11 -4.52
CA ALA A 117 16.75 -7.74 -5.50
C ALA A 117 17.66 -6.71 -6.14
N ALA A 118 18.96 -7.01 -6.18
CA ALA A 118 19.92 -6.10 -6.79
C ALA A 118 19.85 -6.15 -8.30
N PRO A 119 20.11 -5.03 -8.97
CA PRO A 119 20.09 -5.02 -10.43
C PRO A 119 21.18 -5.93 -11.01
N GLY A 120 21.01 -6.26 -12.29
CA GLY A 120 21.93 -7.13 -12.98
C GLY A 120 21.53 -8.59 -12.98
N ALA A 121 20.71 -9.03 -12.03
CA ALA A 121 20.26 -10.40 -11.99
C ALA A 121 19.37 -10.70 -13.20
N ARG A 122 19.53 -11.87 -13.78
CA ARG A 122 18.81 -12.28 -14.97
C ARG A 122 18.07 -13.58 -14.71
N TYR A 123 16.87 -13.71 -15.30
CA TYR A 123 16.02 -14.86 -15.14
C TYR A 123 15.67 -15.44 -16.51
N PRO A 124 15.55 -16.75 -16.63
CA PRO A 124 15.23 -17.35 -17.93
C PRO A 124 13.82 -16.99 -18.38
N LEU A 125 13.64 -17.01 -19.69
CA LEU A 125 12.38 -16.65 -20.33
C LEU A 125 11.88 -17.80 -21.19
N PRO A 126 10.57 -17.86 -21.46
CA PRO A 126 10.04 -18.92 -22.33
C PRO A 126 10.60 -18.80 -23.75
N GLU A 127 11.08 -19.91 -24.28
CA GLU A 127 11.62 -19.95 -25.62
C GLU A 127 10.52 -20.23 -26.64
N ALA A 128 10.82 -19.91 -27.89
CA ALA A 128 9.90 -20.16 -29.00
C ALA A 128 10.55 -21.11 -30.00
N VAL A 129 9.71 -21.72 -30.82
CA VAL A 129 10.16 -22.65 -31.86
C VAL A 129 9.35 -22.38 -33.12
N ASP A 130 10.01 -22.46 -34.27
CA ASP A 130 9.37 -22.28 -35.57
C ASP A 130 9.71 -23.47 -36.45
N PRO A 131 8.73 -24.30 -36.81
CA PRO A 131 9.03 -25.40 -37.75
C PRO A 131 9.55 -24.92 -39.09
N ASP A 132 9.20 -23.69 -39.49
CA ASP A 132 9.82 -23.07 -40.66
C ASP A 132 11.31 -22.88 -40.40
N VAL A 133 12.14 -23.17 -41.40
CA VAL A 133 13.59 -23.19 -41.22
C VAL A 133 14.18 -22.05 -42.04
N GLY A 134 15.46 -21.79 -41.83
CA GLY A 134 16.16 -20.80 -42.64
C GLY A 134 15.82 -19.42 -42.14
N ILE A 135 15.43 -18.54 -43.06
CA ILE A 135 15.05 -17.20 -42.68
C ILE A 135 13.63 -17.15 -42.15
N ASN A 136 12.83 -18.19 -42.38
CA ASN A 136 11.47 -18.27 -41.87
C ASN A 136 11.40 -18.83 -40.45
N SER A 137 12.54 -19.18 -39.86
CA SER A 137 12.61 -19.49 -38.44
C SER A 137 12.71 -18.20 -37.64
N LEU A 138 12.63 -18.33 -36.32
CA LEU A 138 12.63 -17.16 -35.45
C LEU A 138 13.88 -16.31 -35.69
N GLN A 139 13.68 -15.00 -35.82
CA GLN A 139 14.78 -14.08 -36.08
C GLN A 139 14.78 -12.83 -35.20
N SER A 140 13.65 -12.47 -34.59
CA SER A 140 13.57 -11.24 -33.81
C SER A 140 12.82 -11.50 -32.51
N TYR A 141 13.48 -11.18 -31.40
CA TYR A 141 12.87 -11.17 -30.08
C TYR A 141 12.62 -9.72 -29.68
N GLN A 142 11.35 -9.38 -29.46
CA GLN A 142 10.94 -8.02 -29.12
C GLN A 142 10.24 -8.04 -27.78
N LEU A 143 10.83 -7.38 -26.78
CA LEU A 143 10.27 -7.30 -25.45
C LEU A 143 9.51 -5.99 -25.29
N SER A 144 8.38 -6.04 -24.57
CA SER A 144 7.61 -4.85 -24.32
C SER A 144 8.42 -3.85 -23.49
N PRO A 145 8.20 -2.55 -23.69
CA PRO A 145 9.01 -1.56 -22.97
C PRO A 145 8.71 -1.53 -21.48
N ASN A 146 9.75 -1.35 -20.69
CA ASN A 146 9.63 -1.24 -19.25
C ASN A 146 10.88 -0.56 -18.71
N ARG A 147 10.70 0.30 -17.71
CA ARG A 147 11.82 1.06 -17.16
C ARG A 147 12.75 0.18 -16.33
N HIS A 148 12.26 -0.94 -15.79
CA HIS A 148 13.01 -1.73 -14.83
C HIS A 148 13.67 -2.96 -15.43
N PHE A 149 13.39 -3.30 -16.70
CA PHE A 149 13.83 -4.57 -17.24
C PHE A 149 14.37 -4.39 -18.65
N SER A 150 15.26 -5.30 -19.04
CA SER A 150 15.80 -5.38 -20.38
C SER A 150 15.79 -6.84 -20.83
N LEU A 151 16.09 -7.05 -22.10
CA LEU A 151 16.08 -8.39 -22.70
C LEU A 151 17.49 -8.72 -23.18
N HIS A 152 18.06 -9.79 -22.63
CA HIS A 152 19.38 -10.26 -23.01
C HIS A 152 19.24 -11.59 -23.76
N LEU A 153 19.96 -11.71 -24.87
CA LEU A 153 19.93 -12.92 -25.69
C LEU A 153 21.21 -13.71 -25.41
N GLN A 154 21.23 -14.39 -24.27
CA GLN A 154 22.38 -15.20 -23.89
C GLN A 154 22.40 -16.49 -24.69
N THR A 155 23.53 -16.80 -25.30
CA THR A 155 23.68 -17.98 -26.14
C THR A 155 24.60 -18.97 -25.45
N GLY A 156 24.03 -20.05 -24.92
CA GLY A 156 24.83 -21.20 -24.58
C GLY A 156 25.46 -21.81 -25.81
N ASP A 157 26.55 -22.55 -25.61
CA ASP A 157 27.25 -23.14 -26.75
C ASP A 157 26.32 -24.05 -27.55
N ASP A 158 25.54 -24.88 -26.86
CA ASP A 158 24.62 -25.78 -27.53
C ASP A 158 23.41 -25.02 -28.06
N GLY A 159 22.70 -24.33 -27.18
CA GLY A 159 21.51 -23.61 -27.56
C GLY A 159 21.78 -22.49 -28.55
N THR A 160 20.96 -22.41 -29.61
CA THR A 160 21.16 -21.36 -30.59
C THR A 160 20.94 -19.97 -30.00
N ILE A 161 19.94 -19.84 -29.12
CA ILE A 161 19.66 -18.61 -28.39
C ILE A 161 18.98 -18.99 -27.09
N ASN A 162 19.07 -18.11 -26.09
CA ASN A 162 18.34 -18.26 -24.84
C ASN A 162 17.96 -16.87 -24.37
N PRO A 163 16.70 -16.47 -24.52
CA PRO A 163 16.28 -15.16 -24.01
C PRO A 163 16.18 -15.16 -22.49
N GLU A 164 16.52 -14.03 -21.89
CA GLU A 164 16.46 -13.89 -20.45
C GLU A 164 16.16 -12.45 -20.07
N LEU A 165 15.33 -12.28 -19.06
CA LEU A 165 14.96 -10.97 -18.55
C LEU A 165 16.00 -10.47 -17.56
N VAL A 166 16.49 -9.26 -17.76
CA VAL A 166 17.53 -8.67 -16.93
C VAL A 166 16.92 -7.54 -16.11
N LEU A 167 17.15 -7.57 -14.81
CA LEU A 167 16.70 -6.53 -13.90
C LEU A 167 17.76 -5.42 -13.88
N GLU A 168 17.42 -4.26 -14.43
CA GLU A 168 18.36 -3.15 -14.51
C GLU A 168 18.07 -2.01 -13.56
N ARG A 169 16.86 -1.94 -13.00
CA ARG A 169 16.50 -0.92 -12.03
C ARG A 169 15.85 -1.58 -10.83
N THR A 170 16.17 -1.08 -9.63
CA THR A 170 15.66 -1.66 -8.41
C THR A 170 14.14 -1.57 -8.36
N LEU A 171 13.53 -2.40 -7.52
CA LEU A 171 12.09 -2.51 -7.42
C LEU A 171 11.62 -2.22 -6.00
N ASP A 172 10.35 -1.84 -5.90
CA ASP A 172 9.70 -1.64 -4.61
C ASP A 172 8.21 -1.86 -4.83
N ARG A 173 7.68 -2.95 -4.26
CA ARG A 173 6.28 -3.27 -4.45
C ARG A 173 5.35 -2.26 -3.80
N GLU A 174 5.87 -1.42 -2.90
CA GLU A 174 5.05 -0.38 -2.30
C GLU A 174 4.57 0.64 -3.34
N GLU A 175 5.19 0.66 -4.51
CA GLU A 175 4.74 1.49 -5.63
C GLU A 175 4.05 0.67 -6.70
N GLU A 176 4.51 -0.55 -6.96
CA GLU A 176 3.87 -1.46 -7.91
C GLU A 176 4.24 -2.90 -7.56
N PRO A 177 3.27 -3.73 -7.18
CA PRO A 177 3.59 -5.09 -6.73
C PRO A 177 3.71 -6.09 -7.87
N THR A 178 3.06 -5.84 -9.00
CA THR A 178 3.07 -6.76 -10.13
C THR A 178 3.24 -5.99 -11.43
N HIS A 179 4.04 -6.56 -12.33
CA HIS A 179 4.24 -6.02 -13.67
C HIS A 179 3.75 -7.02 -14.71
N HIS A 180 3.52 -6.53 -15.92
CA HIS A 180 3.03 -7.36 -17.02
C HIS A 180 3.77 -6.97 -18.29
N LEU A 181 4.47 -7.94 -18.88
CA LEU A 181 5.25 -7.71 -20.09
C LEU A 181 4.73 -8.59 -21.22
N VAL A 182 5.01 -8.16 -22.45
CA VAL A 182 4.61 -8.87 -23.65
C VAL A 182 5.87 -9.27 -24.40
N LEU A 183 6.13 -10.57 -24.47
CA LEU A 183 7.33 -11.11 -25.13
C LEU A 183 6.93 -11.56 -26.53
N THR A 184 7.18 -10.71 -27.52
CA THR A 184 6.86 -11.00 -28.91
C THR A 184 8.02 -11.71 -29.57
N ALA A 185 7.73 -12.81 -30.28
CA ALA A 185 8.71 -13.55 -31.06
C ALA A 185 8.26 -13.58 -32.50
N SER A 186 9.13 -13.15 -33.41
CA SER A 186 8.79 -13.04 -34.83
C SER A 186 9.87 -13.69 -35.67
N ASP A 187 9.46 -14.35 -36.75
CA ASP A 187 10.36 -14.95 -37.70
C ASP A 187 10.55 -14.02 -38.90
N GLY A 188 11.78 -13.94 -39.39
CA GLY A 188 12.14 -12.94 -40.39
C GLY A 188 11.87 -13.33 -41.83
N GLY A 189 10.65 -13.75 -42.12
CA GLY A 189 10.25 -14.02 -43.48
C GLY A 189 8.96 -13.30 -43.82
N GLU A 190 8.74 -13.10 -45.12
CA GLU A 190 7.55 -12.42 -45.59
C GLU A 190 6.55 -13.42 -46.18
N PRO A 191 5.28 -13.39 -45.71
CA PRO A 191 4.70 -12.49 -44.71
C PRO A 191 5.21 -12.76 -43.29
N ARG A 192 5.34 -11.69 -42.50
CA ARG A 192 5.97 -11.78 -41.19
C ARG A 192 4.97 -12.31 -40.17
N ARG A 193 5.24 -13.50 -39.64
CA ARG A 193 4.43 -14.10 -38.59
C ARG A 193 5.10 -13.87 -37.24
N SER A 194 4.32 -14.06 -36.18
CA SER A 194 4.80 -13.81 -34.83
C SER A 194 3.82 -14.41 -33.85
N SER A 195 4.24 -14.46 -32.59
CA SER A 195 3.37 -14.86 -31.49
C SER A 195 3.96 -14.29 -30.20
N THR A 196 3.09 -13.93 -29.28
CA THR A 196 3.51 -13.28 -28.05
C THR A 196 3.43 -14.25 -26.88
N ALA A 197 3.94 -13.79 -25.74
CA ALA A 197 3.88 -14.56 -24.51
C ALA A 197 3.85 -13.57 -23.34
N LEU A 198 2.77 -13.61 -22.57
CA LEU A 198 2.61 -12.70 -21.44
C LEU A 198 3.48 -13.16 -20.27
N ILE A 199 4.17 -12.20 -19.65
CA ILE A 199 5.09 -12.48 -18.56
C ILE A 199 4.71 -11.58 -17.39
N GLN A 200 4.11 -12.18 -16.36
CA GLN A 200 3.80 -11.46 -15.13
C GLN A 200 4.99 -11.52 -14.18
N ILE A 201 5.31 -10.38 -13.57
CA ILE A 201 6.43 -10.26 -12.65
C ILE A 201 5.85 -9.93 -11.28
N THR A 202 5.96 -10.88 -10.35
CA THR A 202 5.45 -10.73 -9.00
C THR A 202 6.58 -10.26 -8.09
N VAL A 203 6.41 -9.09 -7.49
CA VAL A 203 7.40 -8.51 -6.60
C VAL A 203 7.06 -8.93 -5.18
N LEU A 204 7.85 -9.84 -4.62
CA LEU A 204 7.62 -10.29 -3.25
C LEU A 204 8.02 -9.20 -2.26
N ASP A 205 7.34 -9.18 -1.12
CA ASP A 205 7.49 -8.09 -0.17
C ASP A 205 8.72 -8.28 0.71
N THR A 206 9.32 -7.16 1.11
CA THR A 206 10.36 -7.12 2.11
C THR A 206 9.99 -6.05 3.13
N ASN A 207 10.09 -6.39 4.42
CA ASN A 207 9.73 -5.45 5.48
C ASN A 207 10.77 -4.34 5.53
N ASP A 208 10.67 -3.42 4.56
CA ASP A 208 11.57 -2.29 4.47
C ASP A 208 10.92 -0.97 4.86
N ASN A 209 9.64 -0.99 5.23
CA ASN A 209 8.92 0.20 5.66
C ASN A 209 8.48 0.01 7.10
N ALA A 210 8.86 0.94 7.97
CA ALA A 210 8.53 1.01 9.38
C ALA A 210 7.23 1.79 9.59
N PRO A 211 6.51 1.51 10.67
CA PRO A 211 5.30 2.30 10.96
C PRO A 211 5.64 3.77 11.17
N VAL A 212 4.85 4.64 10.54
CA VAL A 212 5.04 6.09 10.62
C VAL A 212 3.73 6.71 11.07
N PHE A 213 3.79 7.45 12.18
CA PHE A 213 2.59 8.12 12.68
C PHE A 213 2.19 9.25 11.75
N ASP A 214 0.89 9.56 11.75
CA ASP A 214 0.38 10.64 10.92
C ASP A 214 0.95 11.98 11.36
N GLN A 215 0.91 12.26 12.67
CA GLN A 215 1.43 13.49 13.23
C GLN A 215 2.47 13.18 14.29
N PRO A 216 3.57 13.94 14.34
CA PRO A 216 4.60 13.65 15.34
C PRO A 216 4.18 14.00 16.75
N VAL A 217 3.26 14.95 16.92
CA VAL A 217 2.79 15.38 18.24
C VAL A 217 1.28 15.44 18.21
N TYR A 218 0.63 14.83 19.20
CA TYR A 218 -0.82 14.83 19.33
C TYR A 218 -1.20 15.65 20.56
N ARG A 219 -1.95 16.72 20.35
CA ARG A 219 -2.42 17.59 21.42
C ARG A 219 -3.93 17.45 21.54
N VAL A 220 -4.41 17.28 22.77
CA VAL A 220 -5.84 17.11 23.03
C VAL A 220 -6.16 17.68 24.40
N LYS A 221 -7.18 18.54 24.45
CA LYS A 221 -7.66 19.11 25.70
C LYS A 221 -8.82 18.28 26.22
N VAL A 222 -8.97 18.27 27.55
CA VAL A 222 -9.98 17.43 28.20
C VAL A 222 -10.35 18.05 29.52
N LEU A 223 -11.64 17.95 29.87
CA LEU A 223 -12.11 18.39 31.17
C LEU A 223 -11.68 17.40 32.25
N GLU A 224 -11.49 17.91 33.46
CA GLU A 224 -11.01 17.07 34.56
C GLU A 224 -12.09 16.12 35.07
N ASN A 225 -13.36 16.37 34.74
CA ASN A 225 -14.47 15.56 35.24
C ASN A 225 -14.99 14.57 34.20
N VAL A 226 -14.14 14.09 33.31
CA VAL A 226 -14.56 13.12 32.31
C VAL A 226 -14.62 11.75 32.95
N ALA A 227 -15.64 10.97 32.57
CA ALA A 227 -15.80 9.64 33.12
C ALA A 227 -14.70 8.72 32.60
N PRO A 228 -14.20 7.80 33.42
CA PRO A 228 -13.18 6.86 32.94
C PRO A 228 -13.70 6.03 31.78
N GLY A 229 -12.83 5.81 30.79
CA GLY A 229 -13.20 5.13 29.58
C GLY A 229 -13.61 6.02 28.43
N THR A 230 -13.66 7.33 28.64
CA THR A 230 -14.02 8.25 27.57
C THR A 230 -12.93 8.29 26.52
N LEU A 231 -13.35 8.28 25.25
CA LEU A 231 -12.41 8.27 24.13
C LEU A 231 -11.72 9.63 24.03
N LEU A 232 -10.47 9.69 24.47
CA LEU A 232 -9.72 10.93 24.35
C LEU A 232 -9.14 11.11 22.95
N LEU A 233 -8.56 10.05 22.40
CA LEU A 233 -7.87 10.15 21.12
C LEU A 233 -7.92 8.81 20.40
N THR A 234 -7.56 8.83 19.12
CA THR A 234 -7.39 7.61 18.34
C THR A 234 -6.23 7.84 17.38
N VAL A 235 -5.12 7.16 17.63
CA VAL A 235 -3.88 7.39 16.89
C VAL A 235 -3.80 6.42 15.73
N ARG A 236 -3.28 6.90 14.60
CA ARG A 236 -3.13 6.11 13.39
C ARG A 236 -1.67 6.09 12.96
N ALA A 237 -1.20 4.92 12.53
CA ALA A 237 0.14 4.76 11.99
C ALA A 237 0.06 3.87 10.77
N SER A 238 0.69 4.29 9.67
CA SER A 238 0.60 3.58 8.40
C SER A 238 1.86 2.77 8.16
N ASP A 239 1.67 1.55 7.63
CA ASP A 239 2.77 0.68 7.24
C ASP A 239 2.40 0.06 5.89
N PRO A 240 3.00 0.54 4.80
CA PRO A 240 2.68 -0.03 3.48
C PRO A 240 3.19 -1.45 3.28
N ASP A 241 3.96 -1.98 4.22
CA ASP A 241 4.48 -3.34 4.07
C ASP A 241 3.34 -4.35 4.05
N GLU A 242 3.53 -5.40 3.25
CA GLU A 242 2.41 -6.26 2.86
C GLU A 242 1.98 -7.17 4.00
N GLY A 243 0.67 -7.20 4.24
CA GLY A 243 0.07 -8.23 5.09
C GLY A 243 0.58 -8.18 6.52
N VAL A 244 1.17 -9.29 6.96
CA VAL A 244 1.68 -9.39 8.32
C VAL A 244 2.78 -8.38 8.58
N ASN A 245 3.48 -7.92 7.54
CA ASN A 245 4.47 -6.87 7.67
C ASN A 245 3.83 -5.48 7.76
N GLY A 246 2.50 -5.40 7.78
CA GLY A 246 1.80 -4.14 7.89
C GLY A 246 0.91 -4.07 9.12
N LYS A 247 0.63 -5.23 9.72
CA LYS A 247 -0.16 -5.27 10.95
C LYS A 247 0.61 -4.59 12.07
N VAL A 248 0.06 -3.50 12.59
CA VAL A 248 0.76 -2.61 13.51
C VAL A 248 0.06 -2.64 14.86
N THR A 249 0.86 -2.68 15.93
CA THR A 249 0.38 -2.59 17.30
C THR A 249 0.93 -1.34 17.95
N TYR A 250 0.09 -0.65 18.72
CA TYR A 250 0.45 0.57 19.42
C TYR A 250 0.57 0.30 20.90
N LYS A 251 1.50 0.99 21.54
CA LYS A 251 1.70 0.84 22.99
C LYS A 251 2.49 2.03 23.52
N PHE A 252 2.36 2.25 24.82
CA PHE A 252 3.14 3.29 25.48
C PHE A 252 4.62 2.94 25.48
N ARG A 253 5.46 3.98 25.43
CA ARG A 253 6.90 3.75 25.41
C ARG A 253 7.45 3.48 26.81
N LYS A 254 7.03 4.27 27.79
CA LYS A 254 7.59 4.16 29.13
C LYS A 254 7.13 2.86 29.81
N ILE A 255 7.91 2.45 30.80
CA ILE A 255 7.66 1.21 31.55
C ILE A 255 6.90 1.59 32.81
N ASN A 256 5.57 1.40 32.78
CA ASN A 256 4.72 1.62 33.95
C ASN A 256 4.84 3.04 34.48
N GLU A 257 4.87 4.02 33.59
CA GLU A 257 4.77 5.40 34.02
C GLU A 257 3.42 5.65 34.67
N LYS A 258 3.41 6.56 35.65
CA LYS A 258 2.15 6.89 36.33
C LYS A 258 1.10 7.35 35.33
N GLN A 259 1.51 8.15 34.34
CA GLN A 259 0.60 8.54 33.28
C GLN A 259 0.10 7.33 32.50
N SER A 260 0.97 6.33 32.30
CA SER A 260 0.54 5.10 31.65
C SER A 260 -0.44 4.31 32.51
N LEU A 261 -0.37 4.46 33.84
CA LEU A 261 -1.36 3.86 34.70
C LEU A 261 -2.69 4.62 34.64
N LEU A 262 -2.63 5.94 34.44
CA LEU A 262 -3.85 6.74 34.39
C LEU A 262 -4.62 6.59 33.08
N PHE A 263 -3.97 6.16 32.00
CA PHE A 263 -4.61 6.10 30.69
C PHE A 263 -4.46 4.70 30.10
N HIS A 264 -5.22 4.44 29.04
CA HIS A 264 -5.21 3.15 28.37
C HIS A 264 -5.16 3.36 26.87
N LEU A 265 -4.12 2.82 26.24
CA LEU A 265 -3.97 2.85 24.78
C LEU A 265 -4.23 1.44 24.26
N HIS A 266 -5.30 1.27 23.50
CA HIS A 266 -5.65 -0.04 22.97
C HIS A 266 -4.57 -0.51 22.00
N GLU A 267 -4.23 -1.80 22.09
CA GLU A 267 -3.10 -2.32 21.33
C GLU A 267 -3.39 -2.37 19.83
N ASN A 268 -4.58 -2.84 19.45
CA ASN A 268 -4.88 -3.08 18.04
C ASN A 268 -5.44 -1.85 17.34
N THR A 269 -6.38 -1.14 17.96
CA THR A 269 -7.01 0.00 17.32
C THR A 269 -6.36 1.33 17.67
N GLY A 270 -5.50 1.36 18.70
CA GLY A 270 -4.81 2.59 19.05
C GLY A 270 -5.68 3.68 19.60
N GLU A 271 -6.77 3.32 20.29
CA GLU A 271 -7.66 4.30 20.90
C GLU A 271 -7.20 4.60 22.32
N MET A 272 -6.86 5.87 22.56
CA MET A 272 -6.39 6.31 23.87
C MET A 272 -7.58 6.83 24.67
N THR A 273 -7.85 6.19 25.80
CA THR A 273 -8.99 6.51 26.66
C THR A 273 -8.51 6.67 28.10
N VAL A 274 -9.40 7.21 28.93
CA VAL A 274 -9.11 7.42 30.35
C VAL A 274 -9.32 6.11 31.10
N ALA A 275 -8.59 5.96 32.19
CA ALA A 275 -8.74 4.80 33.07
C ALA A 275 -9.20 5.16 34.48
N LYS A 276 -8.67 6.24 35.04
CA LYS A 276 -9.06 6.70 36.37
C LYS A 276 -9.30 8.20 36.34
N ASN A 277 -9.96 8.69 37.37
CA ASN A 277 -10.24 10.12 37.47
C ASN A 277 -8.95 10.91 37.62
N LEU A 278 -8.93 12.11 37.03
CA LEU A 278 -7.76 12.97 37.05
C LEU A 278 -8.21 14.39 37.37
N ASP A 279 -7.58 15.00 38.36
CA ASP A 279 -7.92 16.34 38.81
C ASP A 279 -6.95 17.36 38.24
N TYR A 280 -7.51 18.47 37.76
CA TYR A 280 -6.68 19.56 37.23
C TYR A 280 -5.75 20.12 38.29
N GLU A 281 -6.17 20.08 39.57
CA GLU A 281 -5.42 20.73 40.64
C GLU A 281 -4.14 19.99 41.01
N GLU A 282 -3.99 18.74 40.57
CA GLU A 282 -2.75 17.99 40.82
C GLU A 282 -1.77 18.15 39.66
N CYS A 283 -2.19 17.74 38.46
CA CYS A 283 -1.36 17.86 37.26
C CYS A 283 -2.22 18.38 36.13
N SER A 284 -1.83 19.52 35.55
CA SER A 284 -2.58 20.13 34.46
C SER A 284 -2.13 19.66 33.09
N LEU A 285 -0.95 19.04 32.99
CA LEU A 285 -0.39 18.62 31.72
C LEU A 285 0.13 17.19 31.83
N TYR A 286 -0.01 16.44 30.74
CA TYR A 286 0.48 15.06 30.67
C TYR A 286 1.18 14.88 29.33
N GLU A 287 2.50 14.74 29.36
CA GLU A 287 3.30 14.52 28.15
C GLU A 287 3.71 13.06 28.12
N MET A 288 3.19 12.30 27.16
CA MET A 288 3.49 10.90 27.02
C MET A 288 4.07 10.62 25.63
N GLU A 289 4.74 9.47 25.52
CA GLU A 289 5.34 9.04 24.26
C GLU A 289 4.82 7.66 23.91
N ILE A 290 4.29 7.52 22.69
CA ILE A 290 3.72 6.27 22.24
C ILE A 290 4.55 5.74 21.07
N GLN A 291 4.36 4.47 20.76
CA GLN A 291 5.09 3.82 19.69
C GLN A 291 4.21 2.80 19.00
N ALA A 292 4.55 2.51 17.75
CA ALA A 292 3.82 1.57 16.91
C ALA A 292 4.81 0.68 16.19
N GLU A 293 4.52 -0.62 16.15
CA GLU A 293 5.44 -1.60 15.57
C GLU A 293 4.69 -2.55 14.65
N ASP A 294 5.36 -2.98 13.59
CA ASP A 294 4.89 -4.12 12.84
C ASP A 294 5.51 -5.38 13.44
N VAL A 295 5.34 -6.53 12.78
CA VAL A 295 5.86 -7.78 13.33
C VAL A 295 7.38 -7.78 13.35
N GLY A 296 8.00 -7.11 12.38
CA GLY A 296 9.45 -6.96 12.34
C GLY A 296 10.06 -6.04 13.38
N ALA A 297 9.29 -5.63 14.39
CA ALA A 297 9.76 -4.74 15.47
C ALA A 297 10.28 -3.40 14.94
N LEU A 298 9.91 -3.01 13.73
CA LEU A 298 10.23 -1.68 13.24
C LEU A 298 9.47 -0.64 14.03
N LEU A 299 10.18 0.34 14.57
CA LEU A 299 9.63 1.26 15.55
C LEU A 299 9.26 2.59 14.91
N GLY A 300 8.02 3.00 15.13
CA GLY A 300 7.58 4.37 14.89
C GLY A 300 7.26 5.01 16.24
N ARG A 301 7.67 6.26 16.42
CA ARG A 301 7.55 6.93 17.70
C ARG A 301 6.78 8.24 17.54
N SER A 302 5.95 8.53 18.53
CA SER A 302 5.17 9.76 18.55
C SER A 302 5.02 10.23 19.99
N LYS A 303 4.44 11.42 20.14
CA LYS A 303 4.26 12.06 21.44
C LYS A 303 2.85 12.60 21.54
N VAL A 304 2.14 12.22 22.60
CA VAL A 304 0.79 12.69 22.85
C VAL A 304 0.82 13.66 24.03
N ILE A 305 0.19 14.82 23.84
CA ILE A 305 0.11 15.86 24.85
C ILE A 305 -1.33 16.01 25.28
N ILE A 306 -1.58 15.93 26.59
CA ILE A 306 -2.93 16.00 27.14
C ILE A 306 -3.00 17.17 28.10
N MET A 307 -3.92 18.09 27.83
CA MET A 307 -4.12 19.28 28.64
C MET A 307 -5.46 19.18 29.36
N VAL A 308 -5.47 19.48 30.65
CA VAL A 308 -6.67 19.41 31.47
C VAL A 308 -7.29 20.80 31.55
N GLU A 309 -8.61 20.84 31.69
CA GLU A 309 -9.35 22.09 31.84
C GLU A 309 -10.00 22.13 33.22
N ASP A 310 -9.93 23.30 33.86
CA ASP A 310 -10.40 23.45 35.24
C ASP A 310 -11.87 23.84 35.24
N VAL A 311 -12.73 22.83 35.15
CA VAL A 311 -14.14 23.05 35.40
C VAL A 311 -14.35 23.24 36.90
N ASN A 312 -15.31 24.08 37.26
CA ASN A 312 -15.50 24.45 38.66
C ASN A 312 -15.97 23.26 39.48
N ASP A 313 -15.30 23.02 40.61
CA ASP A 313 -15.67 21.92 41.49
C ASP A 313 -15.27 22.18 42.94
N ASN A 314 -14.41 23.18 43.15
CA ASN A 314 -13.93 23.52 44.49
C ASN A 314 -14.52 24.86 44.91
N ARG A 315 -15.20 24.86 46.06
CA ARG A 315 -15.80 26.06 46.61
C ARG A 315 -14.79 26.86 47.44
N PRO A 316 -14.96 28.17 47.53
CA PRO A 316 -14.04 28.98 48.34
C PRO A 316 -14.12 28.62 49.82
N GLU A 317 -13.06 28.95 50.54
CA GLU A 317 -12.97 28.72 51.98
C GLU A 317 -12.58 30.01 52.68
N VAL A 318 -13.42 30.46 53.59
CA VAL A 318 -13.19 31.72 54.31
C VAL A 318 -12.47 31.41 55.62
N THR A 319 -11.43 32.17 55.91
CA THR A 319 -10.65 32.01 57.15
C THR A 319 -10.61 33.37 57.85
N ILE A 320 -11.39 33.51 58.91
CA ILE A 320 -11.41 34.74 59.70
C ILE A 320 -10.06 34.90 60.39
N THR A 321 -9.13 35.58 59.75
CA THR A 321 -7.80 35.73 60.32
C THR A 321 -7.74 36.79 61.42
N SER A 322 -8.70 37.71 61.46
CA SER A 322 -8.73 38.70 62.52
C SER A 322 -10.18 39.05 62.85
N LEU A 323 -10.44 39.34 64.13
CA LEU A 323 -11.78 39.71 64.58
C LEU A 323 -11.66 40.56 65.83
N PHE A 324 -11.93 41.86 65.69
CA PHE A 324 -11.96 42.78 66.82
C PHE A 324 -13.41 42.84 67.31
N ASN A 325 -13.81 41.79 68.04
CA ASN A 325 -15.21 41.63 68.40
C ASN A 325 -15.72 42.73 69.33
N PRO A 326 -15.07 43.04 70.47
CA PRO A 326 -15.55 44.18 71.27
C PRO A 326 -15.41 45.49 70.52
N VAL A 327 -16.40 45.81 69.70
CA VAL A 327 -16.36 46.98 68.83
C VAL A 327 -16.86 48.19 69.62
N LEU A 328 -16.13 49.30 69.49
CA LEU A 328 -16.52 50.53 70.16
C LEU A 328 -17.69 51.18 69.43
N GLU A 329 -18.72 51.57 70.20
CA GLU A 329 -19.90 52.19 69.60
C GLU A 329 -19.57 53.55 68.99
N ASN A 330 -18.55 54.22 69.50
CA ASN A 330 -18.14 55.53 69.02
C ASN A 330 -17.10 55.46 67.90
N SER A 331 -16.89 54.28 67.31
CA SER A 331 -15.87 54.13 66.29
C SER A 331 -16.23 54.94 65.04
N LEU A 332 -15.25 55.66 64.51
CA LEU A 332 -15.49 56.49 63.34
C LEU A 332 -15.74 55.62 62.11
N PRO A 333 -16.47 56.13 61.12
CA PRO A 333 -16.68 55.36 59.89
C PRO A 333 -15.37 55.11 59.16
N GLY A 334 -15.05 53.82 58.98
CA GLY A 334 -13.80 53.40 58.39
C GLY A 334 -12.96 52.49 59.26
N THR A 335 -13.41 52.16 60.47
CA THR A 335 -12.64 51.28 61.35
C THR A 335 -12.91 49.82 61.01
N VAL A 336 -11.83 49.04 61.00
CA VAL A 336 -11.94 47.62 60.68
C VAL A 336 -12.36 46.84 61.94
N ILE A 337 -13.14 45.79 61.73
CA ILE A 337 -13.56 44.92 62.82
C ILE A 337 -13.21 43.46 62.59
N ALA A 338 -12.89 43.05 61.36
CA ALA A 338 -12.56 41.66 61.09
C ALA A 338 -11.82 41.59 59.75
N PHE A 339 -10.72 40.85 59.73
CA PHE A 339 -9.99 40.55 58.50
C PHE A 339 -10.24 39.10 58.12
N LEU A 340 -10.53 38.88 56.83
CA LEU A 340 -10.91 37.58 56.30
C LEU A 340 -9.94 37.17 55.20
N ASN A 341 -9.64 35.88 55.17
CA ASN A 341 -8.88 35.26 54.09
C ASN A 341 -9.80 34.34 53.31
N VAL A 342 -9.81 34.48 51.99
CA VAL A 342 -10.64 33.66 51.11
C VAL A 342 -9.75 33.04 50.03
N HIS A 343 -10.01 31.79 49.71
CA HIS A 343 -9.13 31.02 48.83
C HIS A 343 -9.94 29.97 48.09
N ASP A 344 -9.99 30.07 46.77
CA ASP A 344 -10.66 29.10 45.92
C ASP A 344 -9.59 28.34 45.14
N GLN A 345 -9.49 27.03 45.40
CA GLN A 345 -8.46 26.22 44.76
C GLN A 345 -8.65 26.13 43.25
N ASP A 346 -9.83 26.46 42.74
CA ASP A 346 -10.05 26.50 41.31
C ASP A 346 -9.24 27.63 40.67
N SER A 347 -9.11 27.58 39.36
CA SER A 347 -8.29 28.52 38.61
C SER A 347 -9.14 29.30 37.63
N GLY A 348 -8.62 30.47 37.23
CA GLY A 348 -9.35 31.33 36.32
C GLY A 348 -10.51 32.01 37.02
N LYS A 349 -11.58 32.25 36.26
CA LYS A 349 -12.79 32.80 36.84
C LYS A 349 -13.44 31.83 37.82
N ASN A 350 -13.15 30.54 37.70
CA ASN A 350 -13.61 29.56 38.69
C ASN A 350 -12.89 29.71 40.03
N GLY A 351 -11.80 30.47 40.07
CA GLY A 351 -11.06 30.68 41.30
C GLY A 351 -11.15 32.09 41.82
N GLN A 352 -11.80 32.97 41.06
CA GLN A 352 -11.97 34.36 41.47
C GLN A 352 -13.21 34.48 42.35
N VAL A 353 -13.02 35.03 43.56
CA VAL A 353 -14.06 35.03 44.58
C VAL A 353 -14.63 36.44 44.74
N VAL A 354 -15.91 36.49 45.07
CA VAL A 354 -16.59 37.72 45.45
C VAL A 354 -17.33 37.47 46.75
N CYS A 355 -17.38 38.48 47.62
CA CYS A 355 -17.98 38.36 48.94
C CYS A 355 -19.20 39.26 49.04
N TYR A 356 -20.22 38.79 49.77
CA TYR A 356 -21.47 39.50 49.89
C TYR A 356 -21.93 39.50 51.34
N THR A 357 -22.59 40.60 51.72
CA THR A 357 -23.18 40.77 53.03
C THR A 357 -24.49 41.53 52.86
N HIS A 358 -25.36 41.44 53.87
CA HIS A 358 -26.67 42.05 53.80
C HIS A 358 -26.56 43.57 53.64
N ASP A 359 -27.54 44.15 52.95
CA ASP A 359 -27.53 45.58 52.66
C ASP A 359 -27.88 46.40 53.89
N ASN A 360 -28.84 45.92 54.69
CA ASN A 360 -29.31 46.70 55.84
C ASN A 360 -28.21 46.89 56.89
N LEU A 361 -27.24 45.99 56.93
CA LEU A 361 -26.19 46.10 57.94
C LEU A 361 -25.30 47.30 57.65
N PRO A 362 -24.82 47.99 58.68
CA PRO A 362 -23.93 49.14 58.48
C PRO A 362 -22.48 48.75 58.21
N PHE A 363 -22.18 47.46 58.06
CA PHE A 363 -20.83 46.98 57.81
C PHE A 363 -20.74 46.53 56.37
N LYS A 364 -19.68 46.97 55.68
CA LYS A 364 -19.44 46.59 54.30
C LYS A 364 -18.16 45.75 54.22
N LEU A 365 -18.02 45.03 53.12
CA LEU A 365 -16.83 44.25 52.84
C LEU A 365 -16.01 44.93 51.75
N GLU A 366 -14.73 45.11 52.02
CA GLU A 366 -13.83 45.77 51.07
C GLU A 366 -12.65 44.85 50.76
N LYS A 367 -12.24 44.85 49.50
CA LYS A 367 -11.11 44.01 49.08
C LYS A 367 -9.80 44.56 49.65
N SER A 368 -8.80 43.69 49.71
CA SER A 368 -7.53 44.05 50.31
C SER A 368 -6.42 43.30 49.58
N ILE A 369 -5.29 43.09 50.28
CA ILE A 369 -4.09 42.54 49.67
C ILE A 369 -4.17 41.03 49.62
N ASP A 370 -3.77 40.44 48.51
CA ASP A 370 -3.65 39.00 48.34
C ASP A 370 -4.97 38.30 48.70
N ASN A 371 -5.98 38.57 47.87
CA ASN A 371 -7.35 38.08 48.04
C ASN A 371 -7.80 38.08 49.49
N TYR A 372 -7.48 39.15 50.23
CA TYR A 372 -8.03 39.34 51.56
C TYR A 372 -9.29 40.21 51.48
N TYR A 373 -10.03 40.23 52.59
CA TYR A 373 -11.17 41.12 52.73
C TYR A 373 -11.14 41.73 54.12
N ARG A 374 -11.71 42.93 54.23
CA ARG A 374 -11.85 43.58 55.53
C ARG A 374 -13.28 44.04 55.72
N LEU A 375 -13.80 43.82 56.92
CA LEU A 375 -15.16 44.19 57.28
C LEU A 375 -15.11 45.58 57.90
N VAL A 376 -15.40 46.60 57.09
CA VAL A 376 -15.27 47.98 57.50
C VAL A 376 -16.64 48.51 57.93
N THR A 377 -16.62 49.53 58.79
CA THR A 377 -17.81 50.22 59.24
C THR A 377 -17.88 51.58 58.55
N TRP A 378 -19.06 51.95 58.06
CA TRP A 378 -19.25 53.21 57.36
C TRP A 378 -20.34 54.09 57.95
N LYS A 379 -21.20 53.56 58.82
CA LYS A 379 -22.27 54.33 59.42
C LYS A 379 -22.29 54.12 60.92
N TYR A 380 -22.65 55.16 61.65
CA TYR A 380 -22.76 55.06 63.10
C TYR A 380 -23.91 54.13 63.48
N LEU A 381 -23.85 53.64 64.72
CA LEU A 381 -24.81 52.65 65.21
C LEU A 381 -25.38 53.07 66.54
N ASP A 382 -26.70 52.92 66.67
CA ASP A 382 -27.36 53.06 67.96
C ASP A 382 -27.09 51.82 68.79
N ARG A 383 -26.50 52.01 69.97
CA ARG A 383 -26.05 50.88 70.76
C ARG A 383 -27.19 49.95 71.15
N GLU A 384 -28.33 50.52 71.53
CA GLU A 384 -29.47 49.69 71.95
C GLU A 384 -30.23 49.13 70.76
N LYS A 385 -30.33 49.88 69.66
CA LYS A 385 -31.05 49.38 68.50
C LYS A 385 -30.40 48.13 67.92
N VAL A 386 -29.07 48.00 68.07
CA VAL A 386 -28.35 46.82 67.62
C VAL A 386 -27.29 46.45 68.65
N SER A 387 -27.62 45.50 69.53
CA SER A 387 -26.69 45.08 70.58
C SER A 387 -25.83 43.89 70.13
N THR A 388 -26.42 42.93 69.43
CA THR A 388 -25.72 41.75 68.97
C THR A 388 -25.84 41.64 67.46
N TYR A 389 -24.80 41.06 66.84
CA TYR A 389 -24.73 40.91 65.40
C TYR A 389 -24.29 39.50 65.04
N ASN A 390 -25.06 38.83 64.20
CA ASN A 390 -24.69 37.54 63.61
C ASN A 390 -24.62 37.75 62.10
N ILE A 391 -23.45 38.17 61.63
CA ILE A 391 -23.28 38.59 60.24
C ILE A 391 -23.12 37.35 59.36
N THR A 392 -23.86 37.32 58.26
CA THR A 392 -23.75 36.26 57.27
C THR A 392 -22.89 36.77 56.11
N VAL A 393 -21.72 36.17 55.94
CA VAL A 393 -20.80 36.52 54.86
C VAL A 393 -20.79 35.39 53.85
N ILE A 394 -21.06 35.71 52.58
CA ILE A 394 -21.19 34.71 51.54
C ILE A 394 -20.06 34.91 50.53
N ALA A 395 -19.16 33.94 50.46
CA ALA A 395 -18.10 33.93 49.46
C ALA A 395 -18.51 33.02 48.31
N SER A 396 -18.37 33.51 47.09
CA SER A 396 -18.82 32.77 45.91
C SER A 396 -17.85 33.00 44.76
N ASP A 397 -17.46 31.91 44.10
CA ASP A 397 -16.62 32.04 42.92
C ASP A 397 -17.47 32.43 41.70
N LEU A 398 -16.79 32.98 40.69
CA LEU A 398 -17.46 33.57 39.54
C LEU A 398 -17.58 32.60 38.36
N GLY A 399 -17.37 31.30 38.60
CA GLY A 399 -17.47 30.31 37.55
C GLY A 399 -18.75 29.50 37.66
N ALA A 400 -19.57 29.57 36.62
CA ALA A 400 -20.83 28.84 36.58
C ALA A 400 -20.60 27.35 36.32
N PRO A 401 -21.25 26.48 37.11
CA PRO A 401 -22.17 26.80 38.21
C PRO A 401 -21.45 27.32 39.46
N PRO A 402 -21.87 28.48 39.95
CA PRO A 402 -21.16 29.10 41.08
C PRO A 402 -21.27 28.27 42.35
N LEU A 403 -20.21 28.28 43.13
CA LEU A 403 -20.15 27.62 44.43
C LEU A 403 -20.04 28.67 45.52
N SER A 404 -20.72 28.44 46.64
CA SER A 404 -20.83 29.44 47.70
C SER A 404 -20.56 28.79 49.06
N THR A 405 -19.71 29.45 49.85
CA THR A 405 -19.47 29.07 51.23
C THR A 405 -19.85 30.26 52.12
N GLU A 406 -20.62 29.99 53.17
CA GLU A 406 -21.13 31.02 54.06
C GLU A 406 -20.48 30.86 55.43
N THR A 407 -19.94 31.97 55.95
CA THR A 407 -19.37 32.01 57.29
C THR A 407 -20.07 33.10 58.09
N TYR A 408 -20.26 32.85 59.38
CA TYR A 408 -21.05 33.73 60.24
C TYR A 408 -20.15 34.33 61.32
N ILE A 409 -20.19 35.65 61.43
CA ILE A 409 -19.33 36.40 62.35
C ILE A 409 -20.20 36.94 63.47
N ALA A 410 -19.95 36.47 64.69
CA ALA A 410 -20.67 36.94 65.87
C ALA A 410 -19.90 38.07 66.52
N LEU A 411 -20.57 39.21 66.72
CA LEU A 411 -19.95 40.33 67.39
C LEU A 411 -20.99 41.04 68.25
N THR A 412 -20.51 41.83 69.21
CA THR A 412 -21.36 42.59 70.11
C THR A 412 -20.81 44.00 70.26
N VAL A 413 -21.71 44.97 70.35
CA VAL A 413 -21.33 46.37 70.53
C VAL A 413 -21.25 46.68 72.02
N ALA A 414 -20.13 47.26 72.44
CA ALA A 414 -19.96 47.74 73.80
C ALA A 414 -19.58 49.21 73.76
N ASP A 415 -19.98 49.94 74.79
CA ASP A 415 -19.68 51.36 74.91
C ASP A 415 -18.75 51.59 76.09
N THR A 416 -17.61 52.24 75.82
CA THR A 416 -16.62 52.55 76.85
C THR A 416 -16.18 51.31 77.62
C1 NAG B . -25.53 32.72 63.49
C2 NAG B . -25.28 31.86 64.73
C3 NAG B . -24.80 30.46 64.31
C4 NAG B . -25.75 29.86 63.29
C5 NAG B . -25.92 30.82 62.12
C6 NAG B . -26.86 30.34 61.06
C7 NAG B . -24.58 32.78 66.89
C8 NAG B . -23.47 33.42 67.67
N2 NAG B . -24.31 32.48 65.61
O3 NAG B . -24.71 29.62 65.47
O4 NAG B . -25.27 28.61 62.80
O5 NAG B . -26.43 32.07 62.61
O6 NAG B . -27.57 31.40 60.43
O7 NAG B . -25.68 32.54 67.39
C1 NAG B . -26.03 27.52 63.36
C2 NAG B . -26.38 26.50 62.27
C3 NAG B . -27.16 25.35 62.88
C4 NAG B . -26.39 24.72 64.04
C5 NAG B . -25.98 25.80 65.05
C6 NAG B . -25.07 25.28 66.14
C7 NAG B . -26.96 26.71 59.91
C8 NAG B . -27.79 27.43 58.89
N2 NAG B . -27.11 27.10 61.17
O3 NAG B . -27.44 24.38 61.87
O4 NAG B . -27.18 23.75 64.71
O5 NAG B . -25.29 26.87 64.40
O6 NAG B . -23.88 26.06 66.23
O7 NAG B . -26.18 25.81 59.59
C1 BMA B . -26.99 22.43 64.14
C2 BMA B . -25.64 21.84 64.64
C3 BMA B . -25.49 20.40 64.11
C4 BMA B . -26.76 19.56 64.38
C5 BMA B . -28.01 20.28 63.87
C6 BMA B . -29.30 19.54 64.17
O2 BMA B . -25.62 21.75 66.06
O3 BMA B . -24.35 19.76 64.63
O4 BMA B . -26.64 18.29 63.75
O5 BMA B . -28.08 21.58 64.49
O6 BMA B . -29.62 19.74 65.53
C1 FUC B . -28.93 31.58 60.92
C2 FUC B . -29.79 31.97 59.69
C3 FUC B . -30.07 30.73 58.84
C4 FUC B . -30.85 29.70 59.65
C5 FUC B . -30.01 29.28 60.85
C6 FUC B . -30.74 28.37 61.84
O2 FUC B . -29.20 33.02 58.94
O3 FUC B . -30.86 31.11 57.71
O4 FUC B . -32.07 30.26 60.08
O5 FUC B . -29.51 30.43 61.62
C1 NAG C . 7.09 -29.85 -72.28
C2 NAG C . 5.68 -29.31 -72.57
C3 NAG C . 5.41 -29.28 -74.09
C4 NAG C . 6.52 -28.51 -74.80
C5 NAG C . 7.86 -29.14 -74.47
C6 NAG C . 9.02 -28.40 -75.08
C7 NAG C . 4.42 -31.39 -72.10
C8 NAG C . 3.32 -32.00 -71.28
N2 NAG C . 4.66 -30.09 -71.89
O3 NAG C . 4.14 -28.66 -74.32
O4 NAG C . 6.31 -28.54 -76.21
O5 NAG C . 8.06 -29.11 -73.05
O6 NAG C . 9.30 -27.20 -74.37
O7 NAG C . 5.07 -32.05 -72.91
C1 NAG C . 5.87 -27.22 -76.61
C2 NAG C . 6.35 -26.92 -78.04
C3 NAG C . 5.82 -25.56 -78.49
C4 NAG C . 4.30 -25.50 -78.33
C5 NAG C . 3.91 -25.85 -76.90
C6 NAG C . 2.42 -25.92 -76.70
C7 NAG C . 8.49 -28.06 -78.43
C8 NAG C . 9.98 -27.92 -78.48
N2 NAG C . 7.80 -26.96 -78.12
O3 NAG C . 6.17 -25.35 -79.86
O4 NAG C . 3.85 -24.18 -78.64
O5 NAG C . 4.43 -27.14 -76.56
O6 NAG C . 1.77 -24.73 -77.14
O7 NAG C . 7.93 -29.14 -78.64
CA CA D . 3.70 -25.98 -44.66
CA CA E . 6.91 -23.50 -44.69
CA CA F . 8.02 -19.79 -39.76
CA CA G . 8.11 -3.71 1.40
CA CA H . 6.32 -2.93 7.48
CA CA I . 9.60 -0.39 -0.01
CA CA J . -10.72 20.23 40.23
CA CA K . -12.13 22.39 39.21
CA CA L . -13.58 27.17 42.38
C1 MAN M . 3.72 -10.39 -34.17
C2 MAN M . 2.19 -10.42 -34.40
C3 MAN M . 1.86 -10.19 -35.88
C4 MAN M . 2.61 -8.96 -36.42
C5 MAN M . 4.11 -9.16 -36.21
C6 MAN M . 4.94 -7.98 -36.69
O2 MAN M . 1.54 -9.38 -33.68
O3 MAN M . 0.46 -10.05 -36.09
O4 MAN M . 2.35 -8.82 -37.82
O5 MAN M . 4.36 -9.30 -34.78
O6 MAN M . 6.30 -8.40 -36.78
C1 MAN N . 0.67 -12.14 -26.61
C2 MAN N . 0.28 -13.61 -26.31
C3 MAN N . -0.99 -14.00 -27.03
C4 MAN N . -2.08 -12.98 -26.75
C5 MAN N . -1.63 -11.61 -27.27
C6 MAN N . -2.66 -10.52 -27.02
O2 MAN N . 0.01 -13.82 -24.93
O3 MAN N . -1.42 -15.30 -26.65
O4 MAN N . -3.26 -13.36 -27.43
O5 MAN N . -0.42 -11.22 -26.58
O6 MAN N . -2.33 -9.40 -27.82
#